data_5YLF
#
_entry.id   5YLF
#
_cell.length_a   51.750
_cell.length_b   72.820
_cell.length_c   82.330
_cell.angle_alpha   90.00
_cell.angle_beta   90.00
_cell.angle_gamma   90.00
#
_symmetry.space_group_name_H-M   'P 21 21 21'
#
loop_
_entity.id
_entity.type
_entity.pdbx_description
1 polymer 'Probable phosphatidylethanolamine transferase Mcr-1'
2 non-polymer beta-D-glucopyranose
3 non-polymer 'ZINC ION'
4 water water
#
_entity_poly.entity_id   1
_entity_poly.type   'polypeptide(L)'
_entity_poly.pdbx_seq_one_letter_code
;PKDTIYHAKDAVQATKPDMRKPRLVVFVVGETARADHVSFNGYERDTFPQLAKIDGVTNFSNVTSCGTS(TPO)AYSVPC
MFSYLGADEYDVDTAKYQENVLDTLDRLGVSILWRDNNSDSKGVMDKLPKAQFADYKSATNNAICNTNPYNECRDVGMLV
GLDDFVAANNGKDMLIMLHQMGNHGPAYFKRYDEKFAKFTPVCEGNELAKCEHQSLINAYDNALLATDDFIAQSIQWLQT
HSNAYDVSMLYVSDHGESLGENGVYLHGMPNAFAPKEQRSVPAFFWTDKQTGITPMATDTVLTHDAITPTLLKLFDVTAD
KVKDRTAFIRLEHHHHHH
;
_entity_poly.pdbx_strand_id   A
#
loop_
_chem_comp.id
_chem_comp.type
_chem_comp.name
_chem_comp.formula
BGC D-saccharide, beta linking beta-D-glucopyranose 'C6 H12 O6'
ZN non-polymer 'ZINC ION' 'Zn 2'
#
# COMPACT_ATOMS: atom_id res chain seq x y z
N LYS A 2 -1.01 -1.21 -27.76
CA LYS A 2 0.19 -1.98 -28.11
C LYS A 2 0.17 -3.37 -27.48
N ASP A 3 0.90 -4.30 -28.09
CA ASP A 3 1.00 -5.65 -27.54
C ASP A 3 1.67 -5.64 -26.17
N THR A 4 1.28 -6.59 -25.33
CA THR A 4 1.87 -6.72 -24.00
C THR A 4 3.26 -7.35 -24.11
N ILE A 5 4.23 -6.76 -23.40
CA ILE A 5 5.56 -7.36 -23.26
C ILE A 5 5.56 -8.24 -22.03
N TYR A 6 5.96 -9.49 -22.22
CA TYR A 6 5.82 -10.49 -21.18
C TYR A 6 7.07 -10.57 -20.33
N HIS A 7 6.87 -10.89 -19.05
CA HIS A 7 7.98 -11.06 -18.12
C HIS A 7 7.86 -12.30 -17.26
N ALA A 8 6.69 -12.93 -17.19
CA ALA A 8 6.49 -14.04 -16.28
C ALA A 8 5.63 -15.11 -16.91
N LYS A 9 5.83 -15.38 -18.20
CA LYS A 9 5.02 -16.44 -18.81
C LYS A 9 5.38 -17.82 -18.29
N ASP A 10 6.49 -17.96 -17.57
CA ASP A 10 6.87 -19.18 -16.87
C ASP A 10 6.15 -19.36 -15.53
N ALA A 11 5.39 -18.37 -15.08
CA ALA A 11 4.88 -18.36 -13.71
C ALA A 11 3.93 -19.53 -13.46
N VAL A 12 4.09 -20.21 -12.33
N VAL A 12 4.10 -20.14 -12.29
CA VAL A 12 3.18 -21.29 -11.95
CA VAL A 12 3.32 -21.27 -11.81
C VAL A 12 2.78 -21.08 -10.49
C VAL A 12 2.71 -20.89 -10.48
N GLN A 13 1.53 -21.42 -10.20
CA GLN A 13 0.99 -21.40 -8.83
C GLN A 13 1.06 -22.83 -8.30
N ALA A 14 1.77 -23.02 -7.18
CA ALA A 14 2.11 -24.37 -6.74
C ALA A 14 0.93 -25.10 -6.12
N THR A 15 0.00 -24.36 -5.51
CA THR A 15 -1.14 -24.94 -4.83
C THR A 15 -2.39 -24.16 -5.23
N LYS A 16 -3.52 -24.85 -5.25
CA LYS A 16 -4.77 -24.23 -5.62
C LYS A 16 -5.74 -24.17 -4.44
N PRO A 17 -6.67 -23.22 -4.44
CA PRO A 17 -7.52 -23.01 -3.25
C PRO A 17 -8.57 -24.10 -3.04
N ASP A 18 -8.65 -25.12 -3.88
CA ASP A 18 -9.48 -26.26 -3.55
C ASP A 18 -8.71 -27.35 -2.81
N MET A 19 -7.40 -27.18 -2.63
CA MET A 19 -6.57 -28.14 -1.92
C MET A 19 -5.92 -27.58 -0.68
N ARG A 20 -6.10 -26.29 -0.41
CA ARG A 20 -5.65 -25.65 0.82
C ARG A 20 -6.54 -24.44 1.02
N LYS A 21 -6.42 -23.77 2.17
CA LYS A 21 -7.29 -22.63 2.43
C LYS A 21 -7.10 -21.56 1.36
N PRO A 22 -8.18 -20.98 0.83
CA PRO A 22 -8.02 -19.84 -0.08
C PRO A 22 -7.37 -18.68 0.65
N ARG A 23 -6.69 -17.83 -0.10
CA ARG A 23 -5.93 -16.75 0.48
C ARG A 23 -6.56 -15.40 0.12
N LEU A 24 -6.63 -14.52 1.11
CA LEU A 24 -7.23 -13.20 0.98
C LEU A 24 -6.26 -12.16 1.51
N VAL A 25 -5.80 -11.28 0.63
CA VAL A 25 -4.76 -10.31 0.96
C VAL A 25 -5.28 -8.91 0.64
N VAL A 26 -5.03 -7.96 1.56
CA VAL A 26 -5.25 -6.53 1.30
C VAL A 26 -3.89 -5.86 1.17
N PHE A 27 -3.65 -5.20 0.05
CA PHE A 27 -2.47 -4.36 -0.16
C PHE A 27 -2.91 -2.91 -0.11
N VAL A 28 -2.55 -2.22 0.97
CA VAL A 28 -2.80 -0.78 1.10
C VAL A 28 -1.66 -0.05 0.40
N VAL A 29 -1.98 0.64 -0.69
CA VAL A 29 -1.01 1.48 -1.41
C VAL A 29 -1.09 2.86 -0.76
N GLY A 30 -0.09 3.18 0.05
CA GLY A 30 -0.08 4.41 0.82
C GLY A 30 0.29 5.63 0.00
N GLU A 31 0.28 6.78 0.68
CA GLU A 31 0.43 8.06 0.01
C GLU A 31 1.13 9.02 0.95
N THR A 32 2.32 9.48 0.57
CA THR A 32 3.03 10.62 1.15
C THR A 32 3.50 10.36 2.58
N ALA A 33 3.49 9.12 3.06
CA ALA A 33 3.91 8.84 4.42
C ALA A 33 5.43 8.66 4.53
N ARG A 34 6.01 9.27 5.56
CA ARG A 34 7.45 9.28 5.84
C ARG A 34 7.81 8.23 6.89
N ALA A 35 8.87 7.47 6.63
CA ALA A 35 9.31 6.47 7.60
C ALA A 35 9.68 7.09 8.94
N ASP A 36 10.29 8.30 8.92
CA ASP A 36 10.79 8.85 10.16
C ASP A 36 9.71 9.50 11.01
N HIS A 37 8.45 9.51 10.55
CA HIS A 37 7.35 9.92 11.40
C HIS A 37 6.55 8.74 11.92
N VAL A 38 7.09 7.53 11.78
CA VAL A 38 6.48 6.32 12.32
C VAL A 38 7.07 6.05 13.70
N SER A 39 6.20 5.93 14.70
CA SER A 39 6.61 5.61 16.06
C SER A 39 7.59 4.44 16.09
N PHE A 40 7.24 3.35 15.41
CA PHE A 40 8.07 2.14 15.40
C PHE A 40 9.48 2.39 14.91
N ASN A 41 9.69 3.44 14.11
CA ASN A 41 11.01 3.75 13.57
C ASN A 41 11.79 4.72 14.44
N GLY A 42 11.23 5.13 15.58
CA GLY A 42 11.92 6.02 16.50
C GLY A 42 11.30 7.39 16.65
N TYR A 43 10.24 7.70 15.93
CA TYR A 43 9.60 9.00 16.07
C TYR A 43 9.06 9.17 17.49
N GLU A 44 9.26 10.35 18.08
CA GLU A 44 8.93 10.50 19.49
C GLU A 44 7.43 10.61 19.75
N ARG A 45 6.61 10.73 18.72
CA ARG A 45 5.16 10.76 18.89
C ARG A 45 4.55 9.43 18.48
N ASP A 46 3.46 9.06 19.16
CA ASP A 46 2.83 7.78 18.89
C ASP A 46 1.85 7.97 17.75
N THR A 47 2.37 7.85 16.53
CA THR A 47 1.57 8.05 15.33
C THR A 47 0.85 6.77 14.89
N PHE A 48 1.18 5.62 15.46
CA PHE A 48 0.50 4.37 15.11
C PHE A 48 0.05 3.61 16.36
N PRO A 49 -0.80 4.23 17.19
CA PRO A 49 -1.21 3.56 18.43
C PRO A 49 -2.07 2.34 18.21
N GLN A 50 -2.89 2.30 17.16
CA GLN A 50 -3.76 1.15 16.98
C GLN A 50 -3.00 -0.05 16.43
N LEU A 51 -2.07 0.17 15.49
CA LEU A 51 -1.27 -0.94 15.03
C LEU A 51 -0.41 -1.50 16.15
N ALA A 52 -0.01 -0.64 17.10
CA ALA A 52 0.81 -1.09 18.22
C ALA A 52 0.11 -2.12 19.08
N LYS A 53 -1.22 -2.18 19.03
CA LYS A 53 -1.99 -3.12 19.85
C LYS A 53 -2.32 -4.42 19.14
N ILE A 54 -1.99 -4.55 17.85
CA ILE A 54 -2.33 -5.73 17.05
C ILE A 54 -1.13 -6.66 16.99
N ASP A 55 -1.32 -7.91 17.37
CA ASP A 55 -0.23 -8.87 17.29
C ASP A 55 0.01 -9.29 15.84
N GLY A 56 1.28 -9.53 15.52
CA GLY A 56 1.63 -10.00 14.19
C GLY A 56 1.89 -8.92 13.17
N VAL A 57 1.99 -7.66 13.58
CA VAL A 57 2.37 -6.58 12.67
C VAL A 57 3.89 -6.44 12.71
N THR A 58 4.51 -6.52 11.53
CA THR A 58 5.94 -6.26 11.39
C THR A 58 6.13 -4.92 10.71
N ASN A 59 6.91 -4.05 11.35
CA ASN A 59 7.32 -2.78 10.80
C ASN A 59 8.68 -2.93 10.15
N PHE A 60 8.88 -2.33 8.98
CA PHE A 60 10.17 -2.42 8.28
C PHE A 60 10.84 -1.06 8.28
N SER A 61 12.02 -0.97 8.87
CA SER A 61 12.65 0.30 9.21
C SER A 61 13.58 0.83 8.11
N ASN A 62 13.79 0.08 7.03
CA ASN A 62 14.73 0.50 6.00
C ASN A 62 14.13 0.20 4.63
N VAL A 63 13.11 0.95 4.24
CA VAL A 63 12.45 0.80 2.95
C VAL A 63 12.60 2.11 2.17
N THR A 64 13.05 1.99 0.92
CA THR A 64 13.26 3.14 0.04
C THR A 64 12.36 3.01 -1.18
N SER A 65 11.58 4.06 -1.46
CA SER A 65 10.70 4.05 -2.62
C SER A 65 11.52 4.11 -3.91
N CYS A 66 10.90 3.67 -5.00
CA CYS A 66 11.58 3.81 -6.29
C CYS A 66 11.55 5.23 -6.81
N GLY A 67 10.62 6.05 -6.38
CA GLY A 67 10.51 7.40 -6.89
C GLY A 67 9.76 8.29 -5.92
N THR A 68 9.45 9.51 -6.38
CA THR A 68 8.95 10.55 -5.49
C THR A 68 7.57 11.07 -5.88
N SER A 69 6.87 10.39 -6.78
CA SER A 69 5.52 10.81 -7.14
C SER A 69 4.65 9.61 -7.37
N TPO A 70 3.35 9.86 -7.44
CA TPO A 70 2.35 8.82 -7.60
CB TPO A 70 0.96 9.43 -7.34
CG2 TPO A 70 -0.04 8.29 -7.14
OG1 TPO A 70 1.01 10.16 -6.11
P TPO A 70 1.03 11.80 -6.15
O1P TPO A 70 -0.43 12.35 -6.51
O2P TPO A 70 1.40 12.08 -4.62
O3P TPO A 70 2.06 12.32 -7.10
C TPO A 70 2.42 8.16 -8.97
O TPO A 70 2.49 6.92 -9.09
N ALA A 71 2.44 8.97 -10.02
CA ALA A 71 2.50 8.46 -11.39
C ALA A 71 3.79 7.67 -11.66
N TYR A 72 4.89 8.05 -11.00
CA TYR A 72 6.14 7.31 -11.20
C TYR A 72 6.19 6.05 -10.34
N SER A 73 5.90 6.18 -9.04
CA SER A 73 6.14 5.06 -8.12
C SER A 73 5.13 3.94 -8.28
N VAL A 74 3.84 4.26 -8.44
CA VAL A 74 2.82 3.19 -8.39
C VAL A 74 3.04 2.15 -9.48
N PRO A 75 3.28 2.50 -10.75
CA PRO A 75 3.50 1.42 -11.74
C PRO A 75 4.73 0.59 -11.42
N CYS A 76 5.80 1.23 -10.96
CA CYS A 76 7.00 0.48 -10.63
C CYS A 76 6.78 -0.49 -9.47
N MET A 77 5.91 -0.11 -8.52
CA MET A 77 5.64 -0.97 -7.37
C MET A 77 5.06 -2.31 -7.78
N PHE A 78 4.39 -2.36 -8.94
CA PHE A 78 3.75 -3.59 -9.44
C PHE A 78 4.50 -4.20 -10.61
N SER A 79 5.68 -3.69 -10.93
N SER A 79 5.70 -3.71 -10.89
CA SER A 79 6.36 -4.08 -12.15
CA SER A 79 6.43 -4.04 -12.10
C SER A 79 7.26 -5.28 -11.92
C SER A 79 7.32 -5.27 -11.90
N TYR A 80 7.68 -5.89 -13.03
CA TYR A 80 8.71 -6.92 -13.02
C TYR A 80 10.09 -6.37 -13.31
N LEU A 81 10.18 -5.17 -13.89
CA LEU A 81 11.47 -4.65 -14.31
C LEU A 81 12.31 -4.18 -13.14
N GLY A 82 11.67 -3.71 -12.07
CA GLY A 82 12.39 -3.15 -10.95
C GLY A 82 12.81 -1.71 -11.23
N ALA A 83 13.20 -1.02 -10.16
CA ALA A 83 13.48 0.40 -10.26
C ALA A 83 14.64 0.71 -11.21
N ASP A 84 15.60 -0.20 -11.32
CA ASP A 84 16.79 0.13 -12.13
C ASP A 84 16.51 0.11 -13.62
N GLU A 85 15.59 -0.75 -14.08
CA GLU A 85 15.25 -0.84 -15.50
C GLU A 85 13.87 -0.30 -15.81
N TYR A 86 13.20 0.27 -14.82
CA TYR A 86 11.85 0.80 -14.98
C TYR A 86 11.84 1.99 -15.94
N ASP A 87 10.85 1.99 -16.83
N ASP A 87 10.85 1.99 -16.84
CA ASP A 87 10.59 3.12 -17.72
CA ASP A 87 10.59 3.12 -17.72
C ASP A 87 9.13 3.50 -17.55
C ASP A 87 9.13 3.50 -17.54
N VAL A 88 8.89 4.68 -16.96
CA VAL A 88 7.52 5.10 -16.67
C VAL A 88 6.68 5.19 -17.95
N ASP A 89 7.30 5.56 -19.07
CA ASP A 89 6.56 5.78 -20.31
C ASP A 89 6.16 4.50 -21.03
N THR A 90 6.72 3.34 -20.67
CA THR A 90 6.31 2.09 -21.27
C THR A 90 5.77 1.07 -20.27
N ALA A 91 5.66 1.46 -18.99
CA ALA A 91 5.24 0.52 -17.96
C ALA A 91 3.87 -0.08 -18.25
N LYS A 92 2.98 0.70 -18.87
CA LYS A 92 1.61 0.28 -19.09
C LYS A 92 1.52 -0.93 -20.01
N TYR A 93 2.50 -1.13 -20.88
CA TYR A 93 2.45 -2.22 -21.84
C TYR A 93 3.23 -3.45 -21.38
N GLN A 94 3.84 -3.42 -20.20
CA GLN A 94 4.50 -4.59 -19.65
C GLN A 94 3.50 -5.42 -18.84
N GLU A 95 3.61 -6.74 -18.96
CA GLU A 95 2.95 -7.61 -17.98
C GLU A 95 3.42 -7.20 -16.58
N ASN A 96 2.48 -6.95 -15.68
CA ASN A 96 2.81 -6.61 -14.30
C ASN A 96 2.32 -7.72 -13.37
N VAL A 97 2.58 -7.57 -12.08
CA VAL A 97 2.33 -8.69 -11.16
C VAL A 97 0.84 -8.99 -11.05
N LEU A 98 -0.02 -7.98 -11.20
CA LEU A 98 -1.45 -8.22 -11.14
C LEU A 98 -1.93 -8.98 -12.37
N ASP A 99 -1.38 -8.66 -13.55
CA ASP A 99 -1.65 -9.46 -14.75
C ASP A 99 -1.35 -10.93 -14.50
N THR A 100 -0.18 -11.21 -13.91
CA THR A 100 0.20 -12.60 -13.66
C THR A 100 -0.78 -13.27 -12.69
N LEU A 101 -1.06 -12.63 -11.57
CA LEU A 101 -1.95 -13.24 -10.59
C LEU A 101 -3.35 -13.46 -11.17
N ASP A 102 -3.87 -12.50 -11.92
CA ASP A 102 -5.18 -12.67 -12.52
C ASP A 102 -5.20 -13.84 -13.48
N ARG A 103 -4.15 -13.97 -14.30
N ARG A 103 -4.14 -13.97 -14.29
CA ARG A 103 -4.05 -15.04 -15.31
CA ARG A 103 -4.06 -15.02 -15.30
C ARG A 103 -4.02 -16.41 -14.65
C ARG A 103 -4.02 -16.40 -14.66
N LEU A 104 -3.48 -16.51 -13.44
CA LEU A 104 -3.36 -17.77 -12.74
C LEU A 104 -4.55 -18.05 -11.82
N GLY A 105 -5.55 -17.18 -11.82
CA GLY A 105 -6.81 -17.46 -11.15
C GLY A 105 -7.12 -16.60 -9.93
N VAL A 106 -6.21 -15.73 -9.49
CA VAL A 106 -6.47 -14.87 -8.34
C VAL A 106 -7.43 -13.76 -8.75
N SER A 107 -8.46 -13.54 -7.94
N SER A 107 -8.45 -13.53 -7.93
CA SER A 107 -9.41 -12.45 -8.16
CA SER A 107 -9.39 -12.45 -8.19
C SER A 107 -8.82 -11.14 -7.67
C SER A 107 -8.82 -11.13 -7.67
N ILE A 108 -8.69 -10.16 -8.56
CA ILE A 108 -8.06 -8.87 -8.27
C ILE A 108 -9.12 -7.79 -8.16
N LEU A 109 -9.04 -6.98 -7.11
CA LEU A 109 -9.88 -5.81 -6.95
C LEU A 109 -9.01 -4.62 -6.61
N TRP A 110 -9.29 -3.48 -7.25
CA TRP A 110 -8.59 -2.22 -6.97
C TRP A 110 -9.60 -1.12 -6.67
N ARG A 111 -9.63 -0.66 -5.43
CA ARG A 111 -10.45 0.48 -5.04
C ARG A 111 -9.53 1.66 -4.79
N ASP A 112 -9.96 2.85 -5.22
CA ASP A 112 -9.05 3.99 -5.31
C ASP A 112 -9.68 5.25 -4.75
N ASN A 113 -9.09 5.75 -3.67
CA ASN A 113 -9.47 7.03 -3.07
C ASN A 113 -8.38 8.08 -3.24
N ASN A 114 -7.56 7.93 -4.27
CA ASN A 114 -6.38 8.77 -4.46
C ASN A 114 -6.42 9.46 -5.81
N SER A 115 -6.50 8.68 -6.88
CA SER A 115 -6.53 9.15 -8.26
C SER A 115 -6.98 7.96 -9.09
N ASP A 116 -6.04 7.16 -9.58
N ASP A 116 -6.04 7.18 -9.62
CA ASP A 116 -6.36 5.90 -10.25
CA ASP A 116 -6.35 5.91 -10.25
C ASP A 116 -5.14 5.00 -10.13
C ASP A 116 -5.13 5.00 -10.15
N SER A 117 -5.17 3.86 -10.84
CA SER A 117 -4.10 2.88 -10.70
C SER A 117 -2.87 3.20 -11.56
N LYS A 118 -2.86 4.34 -12.26
CA LYS A 118 -1.70 4.78 -13.03
C LYS A 118 -1.29 3.74 -14.07
N GLY A 119 -2.28 3.09 -14.68
CA GLY A 119 -2.04 2.12 -15.73
C GLY A 119 -1.96 0.68 -15.26
N VAL A 120 -1.87 0.43 -13.96
CA VAL A 120 -1.60 -0.92 -13.47
C VAL A 120 -2.79 -1.85 -13.75
N MET A 121 -4.02 -1.34 -13.65
CA MET A 121 -5.20 -2.18 -13.84
C MET A 121 -5.69 -2.21 -15.29
N ASP A 122 -5.00 -1.56 -16.22
CA ASP A 122 -5.60 -1.26 -17.52
C ASP A 122 -5.87 -2.51 -18.37
N LYS A 123 -5.14 -3.61 -18.17
CA LYS A 123 -5.38 -4.80 -18.98
C LYS A 123 -6.45 -5.70 -18.39
N LEU A 124 -6.85 -5.45 -17.17
CA LEU A 124 -7.86 -6.26 -16.48
C LEU A 124 -9.25 -5.69 -16.73
N PRO A 125 -10.28 -6.52 -16.55
CA PRO A 125 -11.65 -6.05 -16.80
C PRO A 125 -11.96 -4.77 -16.02
N LYS A 126 -12.71 -3.87 -16.68
CA LYS A 126 -12.96 -2.55 -16.12
C LYS A 126 -13.64 -2.63 -14.76
N ALA A 127 -14.51 -3.62 -14.54
CA ALA A 127 -15.26 -3.68 -13.30
C ALA A 127 -14.38 -4.03 -12.10
N GLN A 128 -13.14 -4.43 -12.33
CA GLN A 128 -12.24 -4.74 -11.22
C GLN A 128 -11.53 -3.50 -10.68
N PHE A 129 -11.76 -2.34 -11.27
CA PHE A 129 -11.32 -1.05 -10.72
C PHE A 129 -12.54 -0.25 -10.32
N ALA A 130 -12.47 0.42 -9.16
CA ALA A 130 -13.58 1.23 -8.68
C ALA A 130 -13.07 2.53 -8.08
N ASP A 131 -13.66 3.65 -8.53
CA ASP A 131 -13.29 4.98 -8.07
C ASP A 131 -14.00 5.27 -6.75
N TYR A 132 -13.26 5.29 -5.65
CA TYR A 132 -13.82 5.55 -4.33
C TYR A 132 -13.60 6.99 -3.88
N LYS A 133 -13.19 7.87 -4.78
CA LYS A 133 -13.31 9.30 -4.55
C LYS A 133 -14.73 9.78 -4.80
N SER A 134 -15.56 8.94 -5.42
CA SER A 134 -16.95 9.26 -5.68
C SER A 134 -17.81 9.02 -4.45
N ALA A 135 -18.65 10.01 -4.11
CA ALA A 135 -19.58 9.85 -2.99
C ALA A 135 -20.71 8.86 -3.26
N THR A 136 -20.82 8.30 -4.47
N THR A 136 -20.83 8.37 -4.49
CA THR A 136 -21.78 7.22 -4.73
CA THR A 136 -21.75 7.27 -4.75
C THR A 136 -21.11 5.85 -4.88
C THR A 136 -21.12 5.92 -4.46
N ASN A 137 -19.80 5.77 -4.64
CA ASN A 137 -19.16 4.53 -4.25
C ASN A 137 -18.79 4.57 -2.77
N ASN A 138 -18.28 5.71 -2.30
CA ASN A 138 -17.77 5.86 -0.95
C ASN A 138 -18.86 6.44 -0.06
N ALA A 139 -19.30 5.66 0.92
CA ALA A 139 -20.34 6.09 1.85
C ALA A 139 -19.79 6.93 3.01
N ILE A 140 -18.49 7.19 3.05
CA ILE A 140 -17.89 7.91 4.17
C ILE A 140 -17.25 9.19 3.65
N CYS A 141 -18.10 10.12 3.22
N CYS A 141 -18.09 10.13 3.23
CA CYS A 141 -17.63 11.42 2.74
CA CYS A 141 -17.59 11.43 2.81
C CYS A 141 -18.27 12.60 3.46
C CYS A 141 -18.15 12.58 3.62
N ASN A 142 -19.22 12.37 4.37
CA ASN A 142 -19.93 13.43 5.06
C ASN A 142 -19.54 13.52 6.54
N THR A 143 -18.41 12.95 6.92
CA THR A 143 -17.92 12.97 8.29
C THR A 143 -17.03 14.17 8.58
N ASN A 144 -16.88 15.09 7.64
CA ASN A 144 -15.93 16.18 7.78
C ASN A 144 -16.46 17.35 6.96
N PRO A 145 -16.09 18.59 7.30
CA PRO A 145 -16.70 19.76 6.62
C PRO A 145 -16.23 19.96 5.20
N TYR A 146 -15.16 19.28 4.78
CA TYR A 146 -14.66 19.35 3.42
C TYR A 146 -15.44 18.44 2.46
N ASN A 147 -16.32 17.60 3.00
CA ASN A 147 -17.01 16.57 2.22
C ASN A 147 -16.02 15.65 1.53
N GLU A 148 -14.87 15.39 2.18
CA GLU A 148 -13.82 14.58 1.59
C GLU A 148 -14.07 13.10 1.89
N CYS A 149 -14.06 12.28 0.84
CA CYS A 149 -14.24 10.85 1.03
C CYS A 149 -13.03 10.25 1.73
N ARG A 150 -13.29 9.34 2.67
CA ARG A 150 -12.26 8.81 3.54
C ARG A 150 -11.83 7.41 3.09
N ASP A 151 -10.57 7.09 3.36
CA ASP A 151 -10.03 5.80 2.96
C ASP A 151 -10.82 4.66 3.56
N VAL A 152 -11.26 4.80 4.81
N VAL A 152 -11.28 4.83 4.80
CA VAL A 152 -11.97 3.70 5.46
CA VAL A 152 -11.99 3.76 5.50
C VAL A 152 -13.27 3.36 4.73
C VAL A 152 -13.31 3.42 4.84
N GLY A 153 -13.80 4.29 3.93
CA GLY A 153 -14.94 3.96 3.10
C GLY A 153 -14.68 2.88 2.08
N MET A 154 -13.42 2.62 1.77
CA MET A 154 -13.10 1.54 0.83
C MET A 154 -13.34 0.15 1.42
N LEU A 155 -13.54 0.04 2.73
CA LEU A 155 -13.84 -1.27 3.33
C LEU A 155 -15.32 -1.64 3.23
N VAL A 156 -16.20 -0.66 2.99
CA VAL A 156 -17.63 -0.93 2.93
C VAL A 156 -17.94 -1.85 1.77
N GLY A 157 -18.65 -2.95 2.04
CA GLY A 157 -19.09 -3.82 0.97
C GLY A 157 -18.04 -4.75 0.40
N LEU A 158 -16.82 -4.76 0.95
CA LEU A 158 -15.85 -5.76 0.50
C LEU A 158 -16.40 -7.16 0.69
N ASP A 159 -17.26 -7.36 1.69
CA ASP A 159 -17.85 -8.68 1.89
C ASP A 159 -18.68 -9.13 0.68
N ASP A 160 -19.25 -8.19 -0.08
CA ASP A 160 -19.94 -8.56 -1.32
C ASP A 160 -18.97 -9.18 -2.31
N PHE A 161 -17.77 -8.62 -2.40
CA PHE A 161 -16.74 -9.12 -3.30
C PHE A 161 -16.25 -10.50 -2.85
N VAL A 162 -16.04 -10.67 -1.55
CA VAL A 162 -15.63 -11.99 -1.06
C VAL A 162 -16.71 -13.03 -1.35
N ALA A 163 -17.98 -12.69 -1.12
CA ALA A 163 -19.06 -13.64 -1.40
C ALA A 163 -19.14 -13.97 -2.88
N ALA A 164 -18.92 -12.98 -3.75
CA ALA A 164 -18.97 -13.19 -5.19
C ALA A 164 -17.79 -14.01 -5.69
N ASN A 165 -16.74 -14.14 -4.88
CA ASN A 165 -15.53 -14.88 -5.24
C ASN A 165 -15.27 -15.99 -4.24
N ASN A 166 -16.36 -16.55 -3.68
CA ASN A 166 -16.28 -17.50 -2.58
C ASN A 166 -15.33 -18.64 -2.90
N GLY A 167 -14.34 -18.82 -2.03
CA GLY A 167 -13.42 -19.93 -2.15
C GLY A 167 -12.27 -19.72 -3.10
N LYS A 168 -12.18 -18.56 -3.74
CA LYS A 168 -11.04 -18.24 -4.60
C LYS A 168 -9.99 -17.46 -3.82
N ASP A 169 -8.77 -17.48 -4.35
CA ASP A 169 -7.74 -16.55 -3.91
C ASP A 169 -8.13 -15.13 -4.33
N MET A 170 -7.88 -14.15 -3.47
CA MET A 170 -8.26 -12.77 -3.72
C MET A 170 -7.17 -11.81 -3.27
N LEU A 171 -6.91 -10.78 -4.09
CA LEU A 171 -5.97 -9.72 -3.77
C LEU A 171 -6.69 -8.40 -3.99
N ILE A 172 -6.81 -7.61 -2.93
CA ILE A 172 -7.55 -6.35 -2.93
C ILE A 172 -6.55 -5.22 -2.70
N MET A 173 -6.40 -4.32 -3.68
CA MET A 173 -5.64 -3.09 -3.50
C MET A 173 -6.55 -1.97 -3.04
N LEU A 174 -6.15 -1.26 -1.99
CA LEU A 174 -6.84 -0.07 -1.51
C LEU A 174 -5.86 1.10 -1.61
N HIS A 175 -6.14 2.00 -2.55
CA HIS A 175 -5.22 3.09 -2.86
C HIS A 175 -5.64 4.33 -2.06
N GLN A 176 -4.82 4.68 -1.09
CA GLN A 176 -5.14 5.68 -0.08
C GLN A 176 -4.98 7.12 -0.54
N MET A 177 -5.86 7.99 -0.06
N MET A 177 -5.87 7.98 -0.07
CA MET A 177 -5.53 9.40 -0.08
CA MET A 177 -5.56 9.40 -0.06
C MET A 177 -4.42 9.69 0.93
C MET A 177 -4.43 9.70 0.94
N GLY A 178 -4.46 9.03 2.10
CA GLY A 178 -3.35 9.10 3.03
C GLY A 178 -2.95 10.51 3.43
N ASN A 179 -1.64 10.79 3.33
CA ASN A 179 -1.06 12.04 3.81
C ASN A 179 -0.85 13.06 2.71
N HIS A 180 -1.56 12.94 1.59
CA HIS A 180 -1.38 13.88 0.48
C HIS A 180 -1.51 15.32 0.96
N GLY A 181 -0.59 16.15 0.50
CA GLY A 181 -0.61 17.57 0.80
C GLY A 181 -1.02 18.36 -0.42
N PRO A 182 -0.99 19.71 -0.31
CA PRO A 182 -0.52 20.47 0.85
C PRO A 182 -1.49 20.53 2.02
N ALA A 183 -2.76 20.19 1.82
CA ALA A 183 -3.79 20.39 2.84
C ALA A 183 -3.89 19.18 3.78
N TYR A 184 -2.80 18.94 4.53
CA TYR A 184 -2.80 17.80 5.46
C TYR A 184 -3.97 17.86 6.42
N PHE A 185 -4.38 19.07 6.82
CA PHE A 185 -5.46 19.22 7.80
C PHE A 185 -6.79 18.69 7.29
N LYS A 186 -6.98 18.59 5.97
CA LYS A 186 -8.21 18.03 5.42
C LYS A 186 -8.23 16.50 5.42
N ARG A 187 -7.10 15.87 5.69
CA ARG A 187 -6.92 14.44 5.43
C ARG A 187 -7.48 13.55 6.52
N TYR A 188 -7.97 14.11 7.62
CA TYR A 188 -8.40 13.32 8.76
C TYR A 188 -9.62 13.95 9.40
N ASP A 189 -10.49 13.10 9.94
CA ASP A 189 -11.64 13.59 10.68
C ASP A 189 -11.21 14.11 12.06
N GLU A 190 -12.13 14.84 12.68
CA GLU A 190 -11.83 15.59 13.90
C GLU A 190 -11.37 14.68 15.05
N LYS A 191 -11.83 13.43 15.07
CA LYS A 191 -11.38 12.56 16.16
C LYS A 191 -9.88 12.31 16.13
N PHE A 192 -9.20 12.64 15.04
CA PHE A 192 -7.75 12.45 14.97
C PHE A 192 -7.00 13.77 15.12
N ALA A 193 -7.67 14.84 15.52
CA ALA A 193 -7.02 16.13 15.73
C ALA A 193 -6.30 16.15 17.09
N LYS A 194 -5.32 15.25 17.21
CA LYS A 194 -4.65 15.03 18.49
C LYS A 194 -3.54 16.04 18.72
N PHE A 195 -2.75 16.32 17.70
CA PHE A 195 -1.63 17.24 17.81
C PHE A 195 -2.10 18.63 17.38
N THR A 196 -1.86 19.61 18.21
CA THR A 196 -2.49 20.92 18.07
C THR A 196 -1.51 21.96 18.56
N PRO A 197 -1.51 23.17 17.95
CA PRO A 197 -2.37 23.63 16.86
C PRO A 197 -1.97 23.12 15.48
N VAL A 198 -2.83 23.38 14.50
N VAL A 198 -2.85 23.26 14.50
CA VAL A 198 -2.72 22.77 13.18
CA VAL A 198 -2.55 22.71 13.19
C VAL A 198 -2.66 23.86 12.12
C VAL A 198 -2.62 23.81 12.14
N CYS A 199 -1.74 23.70 11.16
CA CYS A 199 -1.72 24.57 9.98
C CYS A 199 -2.96 24.31 9.14
N GLU A 200 -3.79 25.34 8.93
CA GLU A 200 -4.97 25.18 8.07
C GLU A 200 -4.90 26.12 6.88
N GLY A 201 -3.71 26.56 6.51
CA GLY A 201 -3.50 27.35 5.33
C GLY A 201 -2.89 26.52 4.23
N ASN A 202 -3.12 26.95 3.00
CA ASN A 202 -2.62 26.21 1.85
C ASN A 202 -1.16 26.52 1.54
N GLU A 203 -0.63 27.65 2.02
CA GLU A 203 0.75 28.05 1.78
C GLU A 203 1.60 27.58 2.96
N LEU A 204 2.28 26.45 2.77
CA LEU A 204 2.88 25.72 3.89
C LEU A 204 3.99 26.51 4.54
N ALA A 205 4.80 27.21 3.74
CA ALA A 205 5.93 27.94 4.30
C ALA A 205 5.48 29.08 5.21
N LYS A 206 4.23 29.53 5.09
CA LYS A 206 3.73 30.60 5.93
C LYS A 206 3.18 30.12 7.26
N CYS A 207 2.91 28.82 7.40
CA CYS A 207 2.47 28.32 8.68
C CYS A 207 3.66 28.19 9.62
N GLU A 208 3.38 28.26 10.92
CA GLU A 208 4.42 27.95 11.88
C GLU A 208 4.77 26.47 11.73
N HIS A 209 6.07 26.16 11.77
CA HIS A 209 6.52 24.82 11.40
C HIS A 209 5.88 23.74 12.26
N GLN A 210 5.79 23.95 13.57
CA GLN A 210 5.23 22.92 14.43
C GLN A 210 3.78 22.63 14.07
N SER A 211 3.04 23.64 13.63
N SER A 211 3.03 23.65 13.65
CA SER A 211 1.64 23.43 13.27
CA SER A 211 1.63 23.44 13.26
C SER A 211 1.51 22.64 11.96
C SER A 211 1.52 22.61 11.99
N LEU A 212 2.50 22.75 11.09
CA LEU A 212 2.54 21.91 9.89
C LEU A 212 2.80 20.45 10.26
N ILE A 213 3.79 20.22 11.13
CA ILE A 213 4.08 18.86 11.58
C ILE A 213 2.87 18.26 12.26
N ASN A 214 2.14 19.06 13.04
CA ASN A 214 0.98 18.54 13.76
C ASN A 214 -0.09 18.05 12.80
N ALA A 215 -0.38 18.84 11.75
CA ALA A 215 -1.37 18.41 10.76
C ALA A 215 -0.94 17.13 10.09
N TYR A 216 0.34 17.06 9.70
CA TYR A 216 0.87 15.87 9.06
C TYR A 216 0.76 14.64 9.96
N ASP A 217 1.09 14.79 11.25
CA ASP A 217 1.02 13.65 12.17
C ASP A 217 -0.41 13.23 12.45
N ASN A 218 -1.35 14.19 12.50
CA ASN A 218 -2.76 13.84 12.63
C ASN A 218 -3.23 13.00 11.45
N ALA A 219 -2.80 13.35 10.25
CA ALA A 219 -3.13 12.54 9.08
C ALA A 219 -2.58 11.11 9.21
N LEU A 220 -1.38 10.96 9.80
CA LEU A 220 -0.88 9.61 10.04
C LEU A 220 -1.78 8.83 10.99
N LEU A 221 -2.29 9.49 12.03
CA LEU A 221 -3.20 8.80 12.96
C LEU A 221 -4.40 8.23 12.22
N ALA A 222 -4.90 8.95 11.23
CA ALA A 222 -6.04 8.42 10.48
C ALA A 222 -5.63 7.24 9.60
N THR A 223 -4.39 7.23 9.11
CA THR A 223 -3.93 6.08 8.36
C THR A 223 -3.69 4.88 9.27
N ASP A 224 -3.15 5.12 10.47
CA ASP A 224 -3.06 4.06 11.47
C ASP A 224 -4.42 3.42 11.67
N ASP A 225 -5.46 4.25 11.81
CA ASP A 225 -6.81 3.76 12.00
C ASP A 225 -7.29 2.95 10.80
N PHE A 226 -7.00 3.44 9.59
CA PHE A 226 -7.46 2.75 8.39
C PHE A 226 -6.80 1.39 8.24
N ILE A 227 -5.49 1.31 8.50
CA ILE A 227 -4.80 0.03 8.42
C ILE A 227 -5.31 -0.91 9.50
N ALA A 228 -5.54 -0.40 10.71
CA ALA A 228 -6.06 -1.25 11.78
C ALA A 228 -7.44 -1.80 11.42
N GLN A 229 -8.31 -0.96 10.87
CA GLN A 229 -9.64 -1.44 10.48
C GLN A 229 -9.55 -2.41 9.30
N SER A 230 -8.57 -2.21 8.41
CA SER A 230 -8.37 -3.17 7.32
C SER A 230 -8.00 -4.54 7.87
N ILE A 231 -7.13 -4.57 8.89
CA ILE A 231 -6.80 -5.83 9.54
C ILE A 231 -8.02 -6.43 10.23
N GLN A 232 -8.78 -5.61 10.95
CA GLN A 232 -10.01 -6.08 11.59
C GLN A 232 -10.97 -6.68 10.57
N TRP A 233 -11.07 -6.08 9.38
CA TRP A 233 -11.92 -6.63 8.33
C TRP A 233 -11.41 -8.00 7.88
N LEU A 234 -10.10 -8.11 7.63
CA LEU A 234 -9.52 -9.40 7.27
C LEU A 234 -9.78 -10.45 8.34
N GLN A 235 -9.73 -10.05 9.62
CA GLN A 235 -9.92 -11.00 10.70
C GLN A 235 -11.33 -11.59 10.71
N THR A 236 -12.31 -10.87 10.16
CA THR A 236 -13.64 -11.47 10.06
C THR A 236 -13.70 -12.62 9.06
N HIS A 237 -12.65 -12.82 8.26
CA HIS A 237 -12.61 -13.89 7.28
C HIS A 237 -11.56 -14.95 7.58
N SER A 238 -10.95 -14.92 8.77
CA SER A 238 -9.79 -15.77 9.02
C SER A 238 -10.14 -17.25 9.18
N ASN A 239 -11.38 -17.60 9.46
CA ASN A 239 -11.65 -19.03 9.56
C ASN A 239 -11.68 -19.69 8.18
N ALA A 240 -12.21 -18.99 7.18
CA ALA A 240 -12.30 -19.56 5.83
C ALA A 240 -11.10 -19.24 4.96
N TYR A 241 -10.37 -18.16 5.24
CA TYR A 241 -9.27 -17.69 4.39
C TYR A 241 -8.00 -17.53 5.22
N ASP A 242 -6.86 -17.70 4.55
CA ASP A 242 -5.57 -17.27 5.09
C ASP A 242 -5.40 -15.79 4.76
N VAL A 243 -5.38 -14.92 5.77
CA VAL A 243 -5.48 -13.48 5.55
C VAL A 243 -4.16 -12.80 5.93
N SER A 244 -3.76 -11.85 5.08
CA SER A 244 -2.60 -11.00 5.31
C SER A 244 -2.86 -9.59 4.79
N MET A 245 -2.07 -8.65 5.30
CA MET A 245 -2.14 -7.24 4.90
C MET A 245 -0.74 -6.73 4.66
N LEU A 246 -0.51 -6.11 3.50
CA LEU A 246 0.73 -5.39 3.20
C LEU A 246 0.42 -3.91 3.02
N TYR A 247 1.21 -3.06 3.66
CA TYR A 247 1.16 -1.61 3.47
C TYR A 247 2.53 -1.14 3.01
N VAL A 248 2.57 -0.32 1.94
CA VAL A 248 3.78 0.39 1.55
C VAL A 248 3.36 1.75 0.99
N SER A 249 4.06 2.81 1.38
CA SER A 249 3.80 4.14 0.82
C SER A 249 4.48 4.31 -0.53
N ASP A 250 3.87 5.14 -1.40
CA ASP A 250 4.41 5.36 -2.74
C ASP A 250 5.66 6.23 -2.72
N HIS A 251 5.81 7.09 -1.71
CA HIS A 251 6.94 7.99 -1.54
C HIS A 251 6.71 8.71 -0.21
N GLY A 252 7.73 9.45 0.23
CA GLY A 252 7.64 10.30 1.40
C GLY A 252 7.24 11.73 1.10
N GLU A 253 7.79 12.66 1.85
CA GLU A 253 7.33 14.04 1.79
C GLU A 253 8.39 14.94 2.40
N SER A 254 8.66 16.08 1.77
CA SER A 254 9.48 17.11 2.40
C SER A 254 8.58 17.99 3.27
N LEU A 255 9.09 18.36 4.44
CA LEU A 255 8.35 19.14 5.42
C LEU A 255 9.16 20.36 5.85
N GLY A 256 9.75 21.05 4.87
CA GLY A 256 10.42 22.30 5.14
C GLY A 256 11.93 22.21 5.29
N GLU A 257 12.49 21.00 5.25
CA GLU A 257 13.94 20.86 5.28
C GLU A 257 14.56 21.56 4.07
N ASN A 258 15.52 22.45 4.33
CA ASN A 258 16.12 23.26 3.28
C ASN A 258 15.08 24.09 2.52
N GLY A 259 13.95 24.36 3.16
CA GLY A 259 12.89 25.09 2.51
C GLY A 259 12.08 24.33 1.49
N VAL A 260 12.24 22.99 1.43
CA VAL A 260 11.56 22.15 0.44
C VAL A 260 10.26 21.64 1.02
N TYR A 261 9.20 21.66 0.19
CA TYR A 261 7.90 21.14 0.57
C TYR A 261 7.39 20.17 -0.49
N LEU A 262 6.42 19.35 -0.10
CA LEU A 262 5.73 18.40 -0.99
C LEU A 262 6.75 17.37 -1.49
N HIS A 263 6.56 16.86 -2.71
CA HIS A 263 7.42 15.79 -3.20
C HIS A 263 7.63 15.93 -4.69
N GLY A 264 7.82 14.83 -5.42
CA GLY A 264 7.89 14.88 -6.87
C GLY A 264 9.23 15.26 -7.46
N MET A 265 10.27 15.47 -6.65
N MET A 265 10.27 15.47 -6.65
CA MET A 265 11.53 15.90 -7.23
CA MET A 265 11.55 15.85 -7.20
C MET A 265 12.25 14.73 -7.92
C MET A 265 12.19 14.70 -7.98
N PRO A 266 12.95 15.00 -9.02
CA PRO A 266 13.71 13.95 -9.70
C PRO A 266 14.63 13.20 -8.74
N ASN A 267 14.69 11.87 -8.92
CA ASN A 267 15.44 11.03 -7.99
C ASN A 267 16.87 11.49 -7.80
N ALA A 268 17.49 12.03 -8.86
CA ALA A 268 18.91 12.35 -8.77
C ALA A 268 19.19 13.29 -7.61
N PHE A 269 18.30 14.26 -7.35
CA PHE A 269 18.56 15.21 -6.27
C PHE A 269 17.41 15.33 -5.28
N ALA A 270 16.42 14.46 -5.36
CA ALA A 270 15.37 14.46 -4.34
C ALA A 270 15.99 14.18 -2.97
N PRO A 271 15.59 14.91 -1.93
CA PRO A 271 16.10 14.61 -0.60
C PRO A 271 15.54 13.30 -0.06
N LYS A 272 16.28 12.73 0.90
CA LYS A 272 15.95 11.41 1.42
C LYS A 272 14.54 11.34 1.98
N GLU A 273 14.03 12.47 2.49
CA GLU A 273 12.69 12.49 3.07
C GLU A 273 11.63 12.10 2.04
N GLN A 274 11.92 12.31 0.76
CA GLN A 274 10.93 11.96 -0.26
C GLN A 274 11.01 10.49 -0.66
N ARG A 275 12.03 9.75 -0.20
CA ARG A 275 12.23 8.36 -0.58
C ARG A 275 12.08 7.36 0.56
N SER A 276 12.26 7.77 1.81
N SER A 276 12.24 7.79 1.82
CA SER A 276 12.21 6.83 2.93
CA SER A 276 12.20 6.87 2.95
C SER A 276 10.76 6.64 3.35
C SER A 276 10.76 6.64 3.38
N VAL A 277 10.24 5.42 3.15
CA VAL A 277 8.82 5.14 3.34
C VAL A 277 8.58 4.06 4.39
N PRO A 278 7.45 4.09 5.08
CA PRO A 278 7.07 2.97 5.94
C PRO A 278 6.59 1.78 5.13
N ALA A 279 6.72 0.61 5.74
CA ALA A 279 6.05 -0.58 5.26
C ALA A 279 5.68 -1.42 6.46
N PHE A 280 4.49 -1.99 6.42
CA PHE A 280 4.01 -2.89 7.46
C PHE A 280 3.52 -4.17 6.81
N PHE A 281 3.71 -5.27 7.51
CA PHE A 281 3.12 -6.53 7.09
C PHE A 281 2.44 -7.17 8.29
N TRP A 282 1.19 -7.57 8.10
CA TRP A 282 0.46 -8.32 9.11
C TRP A 282 -0.02 -9.64 8.51
N THR A 283 0.00 -10.70 9.31
CA THR A 283 -0.64 -11.94 8.87
C THR A 283 -1.22 -12.67 10.07
N ASP A 284 -2.28 -13.42 9.82
CA ASP A 284 -2.89 -14.29 10.82
C ASP A 284 -1.91 -15.41 11.20
N LYS A 285 -1.98 -15.89 12.45
CA LYS A 285 -0.99 -16.88 12.90
C LYS A 285 -1.04 -18.18 12.08
N GLN A 286 -2.19 -18.52 11.51
CA GLN A 286 -2.33 -19.83 10.88
C GLN A 286 -1.85 -19.87 9.44
N THR A 287 -1.44 -18.74 8.86
CA THR A 287 -1.09 -18.72 7.44
C THR A 287 0.24 -19.37 7.14
N GLY A 288 1.13 -19.51 8.12
CA GLY A 288 2.47 -20.00 7.87
C GLY A 288 3.42 -19.00 7.25
N ILE A 289 2.96 -17.79 6.95
N ILE A 289 2.96 -17.78 6.97
CA ILE A 289 3.80 -16.75 6.35
CA ILE A 289 3.82 -16.76 6.37
C ILE A 289 4.65 -16.11 7.44
C ILE A 289 4.66 -16.12 7.46
N THR A 290 5.93 -15.91 7.15
N THR A 290 5.97 -15.99 7.22
CA THR A 290 6.88 -15.39 8.13
CA THR A 290 6.83 -15.36 8.19
C THR A 290 7.55 -14.13 7.59
C THR A 290 7.50 -14.13 7.59
N PRO A 291 7.57 -13.03 8.34
CA PRO A 291 8.20 -11.82 7.82
C PRO A 291 9.72 -11.90 7.84
N MET A 292 10.32 -11.16 6.91
CA MET A 292 11.74 -10.89 6.96
C MET A 292 12.07 -10.01 8.16
N ALA A 293 13.36 -9.96 8.51
CA ALA A 293 13.80 -9.12 9.62
C ALA A 293 13.39 -7.67 9.40
N THR A 294 13.04 -6.99 10.49
N THR A 294 13.04 -7.01 10.50
CA THR A 294 12.55 -5.62 10.39
CA THR A 294 12.58 -5.63 10.47
C THR A 294 13.58 -4.67 9.78
C THR A 294 13.57 -4.72 9.75
N ASP A 295 14.87 -4.94 9.96
CA ASP A 295 15.90 -4.05 9.45
C ASP A 295 16.48 -4.50 8.11
N THR A 296 15.82 -5.44 7.42
CA THR A 296 16.23 -5.81 6.07
C THR A 296 16.28 -4.58 5.16
N VAL A 297 17.33 -4.47 4.36
CA VAL A 297 17.39 -3.37 3.39
C VAL A 297 16.44 -3.68 2.25
N LEU A 298 15.39 -2.85 2.10
CA LEU A 298 14.27 -3.14 1.22
C LEU A 298 13.96 -1.93 0.36
N THR A 299 13.34 -2.19 -0.79
CA THR A 299 12.88 -1.16 -1.70
C THR A 299 11.51 -1.56 -2.23
N HIS A 300 10.93 -0.69 -3.07
CA HIS A 300 9.71 -1.06 -3.77
C HIS A 300 9.85 -2.33 -4.59
N ASP A 301 11.09 -2.70 -4.97
CA ASP A 301 11.29 -3.93 -5.74
C ASP A 301 10.86 -5.17 -4.97
N ALA A 302 10.73 -5.08 -3.65
CA ALA A 302 10.30 -6.22 -2.86
C ALA A 302 8.81 -6.51 -2.98
N ILE A 303 8.02 -5.58 -3.52
CA ILE A 303 6.57 -5.76 -3.52
C ILE A 303 6.15 -6.89 -4.45
N THR A 304 6.63 -6.87 -5.70
CA THR A 304 6.21 -7.90 -6.65
C THR A 304 6.53 -9.32 -6.16
N PRO A 305 7.74 -9.65 -5.70
CA PRO A 305 7.95 -11.01 -5.20
C PRO A 305 7.15 -11.31 -3.95
N THR A 306 6.83 -10.31 -3.11
CA THR A 306 5.98 -10.58 -1.95
C THR A 306 4.58 -10.99 -2.38
N LEU A 307 4.00 -10.26 -3.34
CA LEU A 307 2.65 -10.57 -3.78
C LEU A 307 2.60 -11.94 -4.43
N LEU A 308 3.63 -12.29 -5.21
CA LEU A 308 3.70 -13.64 -5.80
C LEU A 308 3.79 -14.70 -4.73
N LYS A 309 4.69 -14.52 -3.75
N LYS A 309 4.69 -14.53 -3.75
CA LYS A 309 4.88 -15.53 -2.70
CA LYS A 309 4.86 -15.54 -2.72
C LYS A 309 3.61 -15.72 -1.87
C LYS A 309 3.59 -15.73 -1.90
N LEU A 310 2.86 -14.64 -1.63
CA LEU A 310 1.64 -14.75 -0.84
C LEU A 310 0.62 -15.67 -1.51
N PHE A 311 0.70 -15.83 -2.83
CA PHE A 311 -0.21 -16.71 -3.56
C PHE A 311 0.47 -17.96 -4.11
N ASP A 312 1.66 -18.27 -3.60
N ASP A 312 1.66 -18.27 -3.59
CA ASP A 312 2.37 -19.50 -3.96
CA ASP A 312 2.41 -19.48 -3.96
C ASP A 312 2.79 -19.53 -5.42
C ASP A 312 2.71 -19.50 -5.45
N VAL A 313 3.13 -18.37 -5.99
CA VAL A 313 3.50 -18.25 -7.40
C VAL A 313 5.01 -18.06 -7.51
N THR A 314 5.63 -18.80 -8.42
N THR A 314 5.62 -18.80 -8.42
CA THR A 314 7.04 -18.69 -8.76
CA THR A 314 7.04 -18.66 -8.75
C THR A 314 7.20 -18.02 -10.12
C THR A 314 7.16 -17.97 -10.11
N ALA A 315 8.15 -17.09 -10.23
CA ALA A 315 8.43 -16.44 -11.51
C ALA A 315 9.93 -16.21 -11.61
N ASP A 316 10.52 -16.69 -12.71
CA ASP A 316 11.97 -16.66 -12.87
C ASP A 316 12.52 -15.23 -12.74
N LYS A 317 11.78 -14.25 -13.26
CA LYS A 317 12.27 -12.88 -13.34
C LYS A 317 12.63 -12.30 -11.97
N VAL A 318 11.97 -12.75 -10.90
CA VAL A 318 12.24 -12.20 -9.58
C VAL A 318 12.82 -13.25 -8.63
N LYS A 319 13.42 -14.30 -9.18
CA LYS A 319 13.87 -15.43 -8.36
C LYS A 319 14.91 -15.02 -7.34
N ASP A 320 15.70 -13.99 -7.62
CA ASP A 320 16.78 -13.57 -6.73
C ASP A 320 16.41 -12.37 -5.88
N ARG A 321 15.18 -11.87 -5.98
N ARG A 321 15.17 -11.88 -5.94
CA ARG A 321 14.78 -10.67 -5.28
CA ARG A 321 14.84 -10.62 -5.31
C ARG A 321 14.47 -10.97 -3.82
C ARG A 321 14.29 -10.81 -3.90
N THR A 322 14.80 -10.02 -2.96
CA THR A 322 14.34 -10.07 -1.59
C THR A 322 12.89 -9.62 -1.52
N ALA A 323 12.11 -10.29 -0.69
CA ALA A 323 10.72 -9.95 -0.46
C ALA A 323 10.57 -9.46 0.98
N PHE A 324 9.34 -9.08 1.33
CA PHE A 324 9.02 -8.76 2.72
C PHE A 324 8.83 -10.00 3.58
N ILE A 325 8.76 -11.20 2.98
CA ILE A 325 8.49 -12.44 3.68
C ILE A 325 9.50 -13.50 3.29
N ARG A 326 9.70 -14.48 4.17
CA ARG A 326 10.81 -15.42 4.06
C ARG A 326 10.46 -16.61 3.17
N LEU A 327 11.50 -17.25 2.65
CA LEU A 327 11.36 -18.49 1.87
C LEU A 327 11.25 -19.74 2.74
N GLU A 328 11.74 -19.69 3.97
CA GLU A 328 11.77 -20.86 4.82
C GLU A 328 10.51 -20.91 5.68
N HIS A 329 10.06 -22.13 5.97
N HIS A 329 10.04 -22.12 5.96
CA HIS A 329 8.79 -22.38 6.64
CA HIS A 329 8.78 -22.32 6.67
C HIS A 329 9.01 -23.36 7.79
C HIS A 329 8.98 -23.35 7.78
N HIS A 330 8.60 -22.96 9.00
CA HIS A 330 8.66 -23.85 10.15
C HIS A 330 7.41 -24.71 10.20
N HIS A 331 7.60 -26.00 10.43
CA HIS A 331 6.45 -26.90 10.58
C HIS A 331 6.39 -27.46 12.00
C2 BGC B . 10.99 10.87 -9.78
C3 BGC B . 9.61 11.22 -10.22
C4 BGC B . 9.64 12.33 -11.24
C5 BGC B . 10.54 11.95 -12.42
C6 BGC B . 10.65 13.10 -13.38
C1 BGC B . 11.84 10.49 -10.98
O1 BGC B . 13.13 10.24 -10.65
O2 BGC B . 10.91 9.75 -8.88
O3 BGC B . 8.79 11.63 -9.09
O4 BGC B . 8.33 12.54 -11.75
O5 BGC B . 11.87 11.62 -11.94
O6 BGC B . 11.56 14.03 -12.85
ZN ZN C . 1.79 10.05 -4.01
#